data_3LUS
#
_entry.id   3LUS
#
_cell.length_a   38.203
_cell.length_b   76.198
_cell.length_c   79.396
_cell.angle_alpha   90.00
_cell.angle_beta   90.00
_cell.angle_gamma   90.00
#
_symmetry.space_group_name_H-M   'P 21 21 21'
#
loop_
_entity.id
_entity.type
_entity.pdbx_description
1 polymer 'Organic hydroperoxide resistance protein'
2 non-polymer L-CAPTOPRIL
3 water water
#
_entity_poly.entity_id   1
_entity_poly.type   'polypeptide(L)'
_entity_poly.pdbx_seq_one_letter_code
;SNA(MSE)RNKN(MSE)STIYQTSATASAGRNGVVSTEDKLLELNLSYPKE(MSE)GGSGTATNPEQLFAVGYAACFSNA
ILHVAREAKVALKEAPVTATVGIGPNGQGGFALSVALAAHIALEDEQARQLVTVAHQVCPYSNAVRGNIDVQVSVNGLAL
;
_entity_poly.pdbx_strand_id   A,B
#
# COMPACT_ATOMS: atom_id res chain seq x y z
N ARG A 5 11.58 -8.48 -12.48
CA ARG A 5 10.51 -8.74 -11.45
C ARG A 5 9.84 -7.44 -11.06
N ASN A 6 10.64 -6.39 -11.09
CA ASN A 6 10.22 -5.16 -10.47
C ASN A 6 9.85 -4.09 -11.47
N LYS A 7 10.14 -4.31 -12.74
CA LYS A 7 9.90 -3.23 -13.69
C LYS A 7 8.46 -3.37 -14.19
N ASN A 8 7.70 -2.31 -14.07
CA ASN A 8 6.45 -2.16 -14.75
C ASN A 8 6.79 -1.75 -16.17
N SER A 10 4.97 -1.63 -19.00
CA SER A 10 4.04 -0.90 -19.77
C SER A 10 2.80 -0.71 -18.94
N THR A 11 2.45 0.53 -18.67
CA THR A 11 1.46 0.82 -17.67
C THR A 11 0.12 0.52 -18.24
N ILE A 12 -0.57 -0.40 -17.63
CA ILE A 12 -1.92 -0.70 -18.01
C ILE A 12 -2.97 0.22 -17.39
N TYR A 13 -2.76 0.60 -16.12
CA TYR A 13 -3.61 1.50 -15.35
C TYR A 13 -2.76 2.42 -14.45
N GLN A 14 -3.17 3.66 -14.40
CA GLN A 14 -2.51 4.68 -13.61
C GLN A 14 -3.50 5.49 -12.82
N THR A 15 -3.13 5.85 -11.59
CA THR A 15 -4.01 6.63 -10.78
C THR A 15 -3.14 7.51 -9.92
N SER A 16 -3.76 8.48 -9.28
CA SER A 16 -3.06 9.41 -8.44
C SER A 16 -3.94 9.88 -7.30
N ALA A 17 -3.29 10.28 -6.21
CA ALA A 17 -3.98 10.76 -5.00
C ALA A 17 -3.17 11.87 -4.38
N THR A 18 -3.87 12.76 -3.69
CA THR A 18 -3.17 13.87 -3.01
C THR A 18 -3.57 13.96 -1.57
N ALA A 19 -2.60 14.17 -0.69
CA ALA A 19 -2.82 14.44 0.74
C ALA A 19 -1.99 15.64 1.14
N SER A 20 -2.47 16.46 2.08
CA SER A 20 -1.61 17.55 2.53
C SER A 20 -1.38 17.69 4.06
N ALA A 21 -2.12 16.93 4.87
CA ALA A 21 -2.03 17.12 6.37
C ALA A 21 -1.61 15.81 6.93
N GLY A 22 -0.78 15.11 6.15
CA GLY A 22 -0.32 13.75 6.52
C GLY A 22 -1.43 12.79 7.00
N ARG A 23 -1.22 12.20 8.18
CA ARG A 23 -2.11 11.18 8.80
C ARG A 23 -3.37 11.73 9.44
N ASN A 24 -3.54 13.06 9.41
CA ASN A 24 -4.61 13.70 10.20
C ASN A 24 -5.37 14.79 9.39
N GLY A 25 -5.85 14.40 8.20
CA GLY A 25 -6.68 15.27 7.33
C GLY A 25 -7.29 14.46 6.19
N VAL A 26 -7.55 15.11 5.07
CA VAL A 26 -8.24 14.45 3.97
C VAL A 26 -7.25 13.92 2.99
N VAL A 27 -7.65 12.83 2.29
CA VAL A 27 -6.87 12.25 1.22
C VAL A 27 -7.87 11.78 0.14
N SER A 28 -7.54 12.02 -1.10
CA SER A 28 -8.46 11.71 -2.17
C SER A 28 -7.74 11.37 -3.47
N THR A 29 -8.34 10.46 -4.25
CA THR A 29 -7.81 10.22 -5.59
C THR A 29 -8.12 11.43 -6.44
N GLU A 30 -7.22 11.79 -7.35
CA GLU A 30 -7.44 13.02 -8.13
C GLU A 30 -8.73 12.90 -8.99
N ASP A 31 -9.14 11.68 -9.29
CA ASP A 31 -10.46 11.47 -9.91
C ASP A 31 -11.64 11.57 -8.89
N LYS A 32 -11.34 11.68 -7.60
CA LYS A 32 -12.36 11.71 -6.55
C LYS A 32 -13.19 10.44 -6.42
N LEU A 33 -12.84 9.36 -7.13
CA LEU A 33 -13.50 8.06 -6.83
C LEU A 33 -13.39 7.68 -5.33
N LEU A 34 -12.24 7.95 -4.72
CA LEU A 34 -12.04 7.59 -3.34
C LEU A 34 -11.64 8.84 -2.56
N GLU A 35 -12.44 9.21 -1.57
CA GLU A 35 -12.18 10.39 -0.77
C GLU A 35 -12.32 9.96 0.69
N LEU A 36 -11.28 10.15 1.48
CA LEU A 36 -11.25 9.64 2.82
C LEU A 36 -10.72 10.63 3.85
N ASN A 37 -11.27 10.53 5.05
CA ASN A 37 -10.70 11.22 6.19
C ASN A 37 -9.72 10.30 6.89
N LEU A 38 -8.60 10.84 7.33
CA LEU A 38 -7.62 10.08 8.10
C LEU A 38 -7.45 10.70 9.50
N SER A 39 -7.13 9.84 10.45
CA SER A 39 -6.80 10.28 11.79
C SER A 39 -5.85 9.25 12.38
N TYR A 40 -5.10 9.67 13.39
CA TYR A 40 -4.27 8.72 14.17
C TYR A 40 -5.13 7.74 14.90
N PRO A 41 -4.72 6.46 14.95
CA PRO A 41 -5.49 5.56 15.81
C PRO A 41 -5.23 5.89 17.28
N LYS A 42 -6.11 5.39 18.13
CA LYS A 42 -6.00 5.44 19.54
C LYS A 42 -4.64 4.96 20.03
N GLU A 43 -4.12 3.89 19.46
CA GLU A 43 -2.84 3.34 19.88
C GLU A 43 -1.74 4.34 19.70
N GLY A 45 -2.42 7.68 20.16
CA GLY A 45 -2.85 8.88 20.80
C GLY A 45 -3.89 9.66 20.05
N GLY A 46 -4.40 9.14 18.95
CA GLY A 46 -5.44 9.88 18.21
C GLY A 46 -6.86 9.51 18.59
N SER A 47 -7.83 9.95 17.78
CA SER A 47 -9.27 9.73 18.08
C SER A 47 -9.77 8.34 17.61
N GLY A 48 -9.11 7.75 16.64
CA GLY A 48 -9.58 6.52 16.02
C GLY A 48 -10.90 6.68 15.28
N THR A 49 -11.22 7.89 14.83
CA THR A 49 -12.54 8.20 14.25
C THR A 49 -12.48 7.98 12.74
N ALA A 50 -11.30 7.63 12.23
CA ALA A 50 -11.11 7.52 10.79
C ALA A 50 -9.99 6.55 10.49
N THR A 51 -9.74 6.32 9.20
CA THR A 51 -8.70 5.38 8.81
C THR A 51 -7.29 5.98 8.82
N ASN A 52 -6.30 5.17 8.45
CA ASN A 52 -4.90 5.56 8.48
C ASN A 52 -4.09 4.78 7.42
N PRO A 53 -2.83 5.17 7.17
CA PRO A 53 -2.08 4.51 6.08
C PRO A 53 -1.85 3.06 6.33
N GLU A 54 -1.74 2.61 7.59
CA GLU A 54 -1.55 1.17 7.86
C GLU A 54 -2.78 0.33 7.54
N GLN A 55 -3.97 0.83 7.86
CA GLN A 55 -5.20 0.16 7.48
C GLN A 55 -5.37 0.18 5.99
N LEU A 56 -5.02 1.29 5.36
CA LEU A 56 -5.10 1.35 3.89
C LEU A 56 -4.22 0.30 3.23
N PHE A 57 -3.07 0.09 3.81
CA PHE A 57 -2.16 -0.89 3.21
C PHE A 57 -2.75 -2.29 3.43
N ALA A 58 -3.31 -2.55 4.60
CA ALA A 58 -3.96 -3.85 4.88
C ALA A 58 -5.13 -4.16 3.92
N VAL A 59 -5.94 -3.15 3.67
CA VAL A 59 -7.09 -3.25 2.81
C VAL A 59 -6.63 -3.47 1.40
N GLY A 60 -5.68 -2.66 0.97
CA GLY A 60 -5.21 -2.80 -0.38
C GLY A 60 -4.48 -4.08 -0.63
N TYR A 61 -3.64 -4.50 0.31
CA TYR A 61 -2.89 -5.79 0.19
C TYR A 61 -3.84 -6.99 0.22
N ALA A 62 -4.82 -6.97 1.12
CA ALA A 62 -5.82 -8.08 1.12
C ALA A 62 -6.51 -8.15 -0.22
N ALA A 63 -6.87 -6.99 -0.74
CA ALA A 63 -7.65 -6.89 -1.99
C ALA A 63 -6.73 -7.32 -3.17
N CYS A 64 -5.47 -6.90 -3.15
CA CYS A 64 -4.56 -7.23 -4.25
C CYS A 64 -4.27 -8.73 -4.26
N PHE A 65 -4.07 -9.28 -3.08
CA PHE A 65 -3.70 -10.69 -3.00
C PHE A 65 -4.93 -11.58 -3.36
N SER A 66 -6.11 -11.18 -2.96
CA SER A 66 -7.34 -11.86 -3.35
C SER A 66 -7.52 -11.82 -4.86
N ASN A 67 -7.41 -10.63 -5.47
CA ASN A 67 -7.36 -10.48 -6.94
C ASN A 67 -6.33 -11.38 -7.57
N ALA A 68 -5.13 -11.40 -7.00
CA ALA A 68 -4.07 -12.23 -7.55
C ALA A 68 -4.40 -13.74 -7.58
N ILE A 69 -4.99 -14.24 -6.50
CA ILE A 69 -5.36 -15.66 -6.38
C ILE A 69 -6.44 -15.97 -7.45
N LEU A 70 -7.42 -15.09 -7.60
CA LEU A 70 -8.48 -15.30 -8.59
C LEU A 70 -7.90 -15.23 -10.02
N HIS A 71 -6.91 -14.36 -10.22
CA HIS A 71 -6.22 -14.25 -11.50
C HIS A 71 -5.64 -15.61 -11.90
N VAL A 72 -4.90 -16.22 -10.98
CA VAL A 72 -4.17 -17.47 -11.25
C VAL A 72 -5.18 -18.55 -11.40
N ALA A 73 -6.24 -18.51 -10.58
CA ALA A 73 -7.28 -19.52 -10.73
C ALA A 73 -7.86 -19.47 -12.16
N ARG A 74 -8.20 -18.29 -12.66
CA ARG A 74 -8.77 -18.17 -14.00
C ARG A 74 -7.84 -18.75 -15.04
N GLU A 75 -6.54 -18.46 -14.88
CA GLU A 75 -5.52 -18.96 -15.81
C GLU A 75 -5.34 -20.51 -15.77
N ALA A 76 -5.55 -21.11 -14.62
CA ALA A 76 -5.50 -22.53 -14.45
C ALA A 76 -6.86 -23.22 -14.70
N LYS A 77 -7.87 -22.43 -15.06
CA LYS A 77 -9.24 -22.89 -15.37
C LYS A 77 -9.83 -23.55 -14.15
N VAL A 78 -9.52 -22.96 -13.00
CA VAL A 78 -10.02 -23.47 -11.73
C VAL A 78 -11.18 -22.55 -11.37
N ALA A 79 -12.36 -23.10 -11.20
CA ALA A 79 -13.51 -22.27 -10.93
C ALA A 79 -13.54 -21.94 -9.43
N LEU A 80 -13.20 -20.73 -9.05
CA LEU A 80 -13.21 -20.33 -7.64
C LEU A 80 -14.28 -19.26 -7.48
N LYS A 81 -15.29 -19.50 -6.63
CA LYS A 81 -16.29 -18.47 -6.37
C LYS A 81 -15.67 -17.25 -5.64
N GLU A 82 -14.86 -17.49 -4.61
CA GLU A 82 -14.32 -16.39 -3.78
C GLU A 82 -12.91 -16.73 -3.36
N ALA A 83 -12.15 -15.70 -3.01
CA ALA A 83 -10.83 -15.94 -2.45
C ALA A 83 -10.63 -14.97 -1.28
N PRO A 84 -11.26 -15.27 -0.12
CA PRO A 84 -11.09 -14.39 1.05
C PRO A 84 -9.64 -14.34 1.53
N VAL A 85 -9.15 -13.13 1.77
CA VAL A 85 -7.80 -12.94 2.32
C VAL A 85 -7.89 -11.94 3.44
N THR A 86 -7.29 -12.33 4.58
CA THR A 86 -7.15 -11.42 5.72
C THR A 86 -5.72 -10.95 5.72
N ALA A 87 -5.53 -9.63 5.67
CA ALA A 87 -4.18 -9.08 5.78
C ALA A 87 -4.08 -8.37 7.12
N THR A 88 -2.98 -8.63 7.80
CA THR A 88 -2.72 -8.04 9.13
C THR A 88 -1.44 -7.29 9.02
N VAL A 89 -1.49 -6.00 9.33
CA VAL A 89 -0.39 -5.12 9.14
C VAL A 89 -0.02 -4.46 10.48
N GLY A 90 1.28 -4.51 10.79
CA GLY A 90 1.81 -3.83 11.94
C GLY A 90 2.81 -2.77 11.60
N ILE A 91 2.94 -1.80 12.51
CA ILE A 91 3.94 -0.75 12.30
C ILE A 91 4.68 -0.52 13.60
N GLY A 92 5.98 -0.34 13.48
CA GLY A 92 6.81 0.05 14.60
C GLY A 92 8.13 0.62 14.11
N PRO A 93 8.98 1.06 15.03
CA PRO A 93 10.25 1.63 14.67
C PRO A 93 11.25 0.62 14.17
N ASN A 94 12.08 1.01 13.23
CA ASN A 94 13.12 0.11 12.76
C ASN A 94 14.48 0.21 13.48
N GLY A 95 14.62 1.03 14.49
CA GLY A 95 15.92 1.09 15.14
C GLY A 95 17.01 1.85 14.41
N GLN A 96 16.66 2.52 13.32
CA GLN A 96 17.59 3.40 12.61
C GLN A 96 16.96 4.77 12.54
N GLY A 97 15.84 5.01 13.20
CA GLY A 97 15.22 6.34 13.13
C GLY A 97 13.98 6.42 12.30
N GLY A 98 13.67 5.36 11.61
CA GLY A 98 12.46 5.30 10.83
C GLY A 98 11.46 4.27 11.33
N PHE A 99 10.60 3.84 10.40
CA PHE A 99 9.48 2.96 10.74
C PHE A 99 9.29 1.94 9.68
N ALA A 100 8.74 0.79 10.08
CA ALA A 100 8.68 -0.36 9.20
C ALA A 100 7.38 -1.08 9.40
N LEU A 101 6.94 -1.75 8.33
CA LEU A 101 5.72 -2.52 8.32
C LEU A 101 6.06 -3.99 8.41
N SER A 102 5.23 -4.68 9.16
CA SER A 102 5.19 -6.13 9.15
C SER A 102 3.80 -6.55 8.64
N VAL A 103 3.77 -7.65 7.89
CA VAL A 103 2.58 -8.15 7.19
C VAL A 103 2.37 -9.68 7.26
N ALA A 104 1.15 -10.06 7.62
CA ALA A 104 0.70 -11.45 7.50
C ALA A 104 -0.54 -11.45 6.56
N LEU A 105 -0.59 -12.46 5.71
CA LEU A 105 -1.69 -12.71 4.75
C LEU A 105 -2.27 -14.13 4.98
N ALA A 106 -3.57 -14.23 5.24
CA ALA A 106 -4.21 -15.52 5.48
C ALA A 106 -5.26 -15.71 4.40
N ALA A 107 -5.03 -16.66 3.52
CA ALA A 107 -5.92 -16.94 2.41
C ALA A 107 -6.81 -18.15 2.76
N HIS A 108 -8.09 -18.05 2.43
CA HIS A 108 -9.00 -19.18 2.63
C HIS A 108 -9.61 -19.62 1.28
N ILE A 109 -9.20 -20.79 0.78
CA ILE A 109 -9.52 -21.25 -0.57
C ILE A 109 -10.18 -22.63 -0.57
N ALA A 110 -11.34 -22.76 -1.21
CA ALA A 110 -12.07 -24.06 -1.26
C ALA A 110 -11.49 -25.04 -2.32
N LEU A 111 -10.28 -25.49 -2.09
CA LEU A 111 -9.61 -26.44 -2.96
C LEU A 111 -8.91 -27.37 -2.03
N GLU A 112 -8.65 -28.59 -2.51
CA GLU A 112 -7.68 -29.48 -1.88
C GLU A 112 -6.43 -28.69 -1.49
N ASP A 113 -5.84 -29.07 -0.37
CA ASP A 113 -4.71 -28.33 0.23
C ASP A 113 -3.46 -28.16 -0.67
N GLU A 114 -2.95 -29.19 -1.30
CA GLU A 114 -1.77 -29.01 -2.11
C GLU A 114 -2.06 -28.12 -3.30
N GLN A 115 -3.24 -28.28 -3.84
CA GLN A 115 -3.69 -27.44 -4.90
C GLN A 115 -3.84 -25.97 -4.48
N ALA A 116 -4.46 -25.74 -3.34
CA ALA A 116 -4.59 -24.38 -2.81
C ALA A 116 -3.22 -23.71 -2.62
N ARG A 117 -2.28 -24.50 -2.16
CA ARG A 117 -0.95 -24.07 -1.87
C ARG A 117 -0.21 -23.60 -3.10
N GLN A 118 -0.27 -24.43 -4.10
CA GLN A 118 0.31 -24.11 -5.38
C GLN A 118 -0.27 -22.82 -5.96
N LEU A 119 -1.58 -22.69 -5.98
CA LEU A 119 -2.25 -21.54 -6.45
C LEU A 119 -1.84 -20.25 -5.70
N VAL A 120 -1.81 -20.30 -4.38
CA VAL A 120 -1.48 -19.15 -3.59
C VAL A 120 0.00 -18.80 -3.71
N THR A 121 0.84 -19.80 -3.84
CA THR A 121 2.26 -19.55 -4.04
C THR A 121 2.51 -18.79 -5.36
N VAL A 122 1.83 -19.21 -6.44
CA VAL A 122 2.01 -18.52 -7.72
C VAL A 122 1.43 -17.11 -7.52
N ALA A 123 0.31 -17.01 -6.83
CA ALA A 123 -0.31 -15.66 -6.67
C ALA A 123 0.64 -14.66 -5.97
N HIS A 124 1.46 -15.15 -5.05
CA HIS A 124 2.36 -14.37 -4.23
C HIS A 124 3.50 -13.93 -5.14
N GLN A 125 3.81 -14.74 -6.15
CA GLN A 125 4.84 -14.38 -7.09
C GLN A 125 4.36 -13.32 -8.04
N VAL A 126 3.08 -13.27 -8.34
CA VAL A 126 2.63 -12.38 -9.38
C VAL A 126 2.05 -11.08 -8.83
N CYS A 127 1.62 -11.09 -7.59
CA CYS A 127 0.90 -9.96 -6.96
C CYS A 127 1.79 -8.74 -6.93
N PRO A 128 1.32 -7.58 -7.40
CA PRO A 128 2.25 -6.45 -7.42
C PRO A 128 2.59 -5.88 -6.01
N TYR A 129 1.71 -5.97 -5.01
CA TYR A 129 2.11 -5.62 -3.65
C TYR A 129 3.26 -6.55 -3.17
N SER A 130 3.14 -7.84 -3.45
CA SER A 130 4.19 -8.77 -3.04
C SER A 130 5.50 -8.45 -3.71
N ASN A 131 5.46 -8.13 -5.00
CA ASN A 131 6.72 -7.78 -5.70
C ASN A 131 7.30 -6.50 -5.16
N ALA A 132 6.42 -5.58 -4.77
CA ALA A 132 6.83 -4.27 -4.24
C ALA A 132 7.61 -4.38 -2.92
N VAL A 133 7.22 -5.31 -2.03
CA VAL A 133 7.84 -5.42 -0.73
C VAL A 133 8.82 -6.60 -0.56
N ARG A 134 9.03 -7.36 -1.63
CA ARG A 134 9.84 -8.59 -1.59
C ARG A 134 11.21 -8.27 -1.07
N GLY A 135 11.69 -9.04 -0.10
CA GLY A 135 13.06 -8.83 0.48
C GLY A 135 13.10 -7.76 1.57
N ASN A 136 12.11 -6.87 1.60
CA ASN A 136 12.00 -5.83 2.61
C ASN A 136 11.13 -6.29 3.80
N ILE A 137 9.90 -6.68 3.48
CA ILE A 137 9.02 -7.29 4.42
C ILE A 137 8.99 -8.80 4.20
N ASP A 138 9.25 -9.57 5.24
CA ASP A 138 9.06 -11.03 5.15
C ASP A 138 7.58 -11.29 5.37
N VAL A 139 6.77 -11.21 4.29
CA VAL A 139 5.33 -11.39 4.38
C VAL A 139 5.02 -12.86 4.82
N GLN A 140 4.33 -13.02 5.94
CA GLN A 140 3.94 -14.35 6.43
C GLN A 140 2.67 -14.80 5.76
N VAL A 141 2.79 -15.77 4.85
CA VAL A 141 1.62 -16.19 4.04
C VAL A 141 1.14 -17.55 4.53
N SER A 142 -0.16 -17.66 4.77
CA SER A 142 -0.81 -18.96 5.01
C SER A 142 -2.03 -19.18 4.11
N VAL A 143 -2.28 -20.47 3.88
CA VAL A 143 -3.38 -20.93 3.06
C VAL A 143 -4.20 -21.93 3.86
N ASN A 144 -5.48 -21.63 4.09
CA ASN A 144 -6.33 -22.52 4.88
C ASN A 144 -5.74 -23.01 6.20
N GLY A 145 -5.13 -22.07 6.92
CA GLY A 145 -4.62 -22.30 8.26
C GLY A 145 -3.16 -22.75 8.32
N LEU A 146 -2.55 -23.02 7.18
CA LEU A 146 -1.17 -23.54 7.17
C LEU A 146 -0.20 -22.53 6.50
N ALA A 147 0.88 -22.28 7.17
CA ALA A 147 1.89 -21.43 6.62
C ALA A 147 2.50 -22.04 5.41
N LEU A 148 2.80 -21.19 4.46
CA LEU A 148 3.50 -21.56 3.29
C LEU A 148 4.96 -21.62 3.65
N SER B 1 16.42 -4.00 -2.06
CA SER B 1 15.85 -4.41 -0.79
C SER B 1 16.83 -4.13 0.33
N ASN B 2 16.27 -3.94 1.53
CA ASN B 2 16.97 -3.92 2.80
C ASN B 2 16.09 -4.44 3.91
N ALA B 3 16.31 -5.70 4.27
CA ALA B 3 15.63 -6.29 5.38
C ALA B 3 15.79 -5.50 6.70
N ARG B 5 16.50 -2.41 7.58
CA ARG B 5 15.80 -1.17 7.77
C ARG B 5 14.34 -1.41 7.83
N ASN B 6 13.94 -2.66 7.67
CA ASN B 6 12.51 -2.93 7.77
C ASN B 6 12.11 -3.83 8.89
N LYS B 7 12.95 -4.00 9.88
CA LYS B 7 12.53 -4.72 11.08
C LYS B 7 11.56 -3.79 11.83
N ASN B 8 10.32 -4.22 11.98
CA ASN B 8 9.43 -3.62 12.94
C ASN B 8 9.89 -4.16 14.32
N SER B 10 9.16 -3.33 17.42
CA SER B 10 8.16 -3.38 18.45
C SER B 10 6.89 -2.70 17.92
N THR B 11 5.80 -3.42 17.90
CA THR B 11 4.62 -2.97 17.20
C THR B 11 3.89 -1.94 17.99
N ILE B 12 3.72 -0.78 17.42
CA ILE B 12 2.96 0.30 17.98
C ILE B 12 1.51 0.15 17.72
N TYR B 13 1.19 -0.34 16.51
CA TYR B 13 -0.19 -0.46 16.08
C TYR B 13 -0.27 -1.60 15.07
N GLN B 14 -1.35 -2.36 15.19
CA GLN B 14 -1.62 -3.49 14.32
C GLN B 14 -3.06 -3.47 13.88
N THR B 15 -3.30 -3.75 12.60
CA THR B 15 -4.64 -3.71 12.09
C THR B 15 -4.85 -4.83 11.07
N SER B 16 -6.10 -5.24 10.89
CA SER B 16 -6.46 -6.34 9.97
C SER B 16 -7.61 -5.96 9.08
N ALA B 17 -7.61 -6.50 7.87
CA ALA B 17 -8.64 -6.28 6.89
C ALA B 17 -8.81 -7.59 6.15
N THR B 18 -10.06 -7.84 5.77
CA THR B 18 -10.40 -9.00 4.99
C THR B 18 -11.08 -8.59 3.73
N ALA B 19 -10.54 -9.08 2.61
CA ALA B 19 -11.05 -8.83 1.28
C ALA B 19 -11.52 -10.15 0.67
N SER B 20 -12.67 -10.10 0.01
CA SER B 20 -13.11 -11.04 -0.98
C SER B 20 -13.22 -10.19 -2.25
N ALA B 21 -12.17 -10.18 -3.07
CA ALA B 21 -12.13 -9.32 -4.26
C ALA B 21 -12.75 -10.00 -5.50
N GLY B 22 -12.55 -9.39 -6.67
CA GLY B 22 -13.16 -9.77 -7.94
C GLY B 22 -13.83 -8.55 -8.58
N ARG B 23 -14.65 -8.83 -9.59
CA ARG B 23 -15.41 -7.77 -10.27
C ARG B 23 -16.37 -7.02 -9.33
N ASN B 24 -16.94 -7.74 -8.38
CA ASN B 24 -17.88 -7.22 -7.39
C ASN B 24 -17.34 -7.34 -5.96
N GLY B 25 -16.05 -7.06 -5.75
CA GLY B 25 -15.45 -7.39 -4.47
C GLY B 25 -15.86 -6.47 -3.33
N VAL B 26 -15.49 -6.87 -2.12
CA VAL B 26 -15.66 -6.05 -0.90
C VAL B 26 -14.43 -6.22 -0.03
N VAL B 27 -14.10 -5.18 0.71
CA VAL B 27 -13.03 -5.29 1.73
C VAL B 27 -13.53 -4.49 2.92
N SER B 28 -13.22 -5.00 4.13
CA SER B 28 -13.52 -4.24 5.32
C SER B 28 -12.44 -4.45 6.39
N THR B 29 -12.16 -3.41 7.17
CA THR B 29 -11.25 -3.61 8.31
C THR B 29 -11.97 -4.39 9.39
N GLU B 30 -11.20 -5.05 10.26
CA GLU B 30 -11.73 -5.80 11.38
C GLU B 30 -12.75 -4.97 12.22
N ASP B 31 -12.45 -3.70 12.47
CA ASP B 31 -13.29 -2.77 13.24
C ASP B 31 -14.25 -1.91 12.40
N LYS B 32 -14.39 -2.20 11.10
CA LYS B 32 -15.31 -1.44 10.24
C LYS B 32 -15.13 0.07 10.17
N LEU B 33 -13.96 0.61 10.56
CA LEU B 33 -13.69 2.04 10.26
C LEU B 33 -13.72 2.19 8.75
N LEU B 34 -13.49 1.09 8.05
CA LEU B 34 -13.39 1.18 6.61
C LEU B 34 -13.96 -0.05 5.97
N GLU B 35 -15.00 0.19 5.17
CA GLU B 35 -15.66 -0.84 4.43
C GLU B 35 -15.77 -0.29 3.01
N LEU B 36 -15.27 -1.02 2.03
CA LEU B 36 -15.23 -0.49 0.64
C LEU B 36 -15.65 -1.52 -0.34
N ASN B 37 -16.23 -1.05 -1.44
CA ASN B 37 -16.49 -1.92 -2.58
C ASN B 37 -15.25 -1.84 -3.43
N LEU B 38 -14.96 -2.92 -4.15
CA LEU B 38 -13.86 -2.99 -5.07
C LEU B 38 -14.37 -3.31 -6.48
N SER B 39 -13.66 -2.84 -7.50
CA SER B 39 -13.89 -3.25 -8.90
C SER B 39 -12.58 -3.30 -9.62
N TYR B 40 -12.53 -4.02 -10.73
CA TYR B 40 -11.35 -3.90 -11.59
C TYR B 40 -11.54 -2.54 -12.28
N PRO B 41 -10.46 -1.82 -12.57
CA PRO B 41 -10.64 -0.61 -13.42
C PRO B 41 -11.08 -0.93 -14.85
N LYS B 42 -11.68 0.03 -15.52
CA LYS B 42 -12.14 -0.13 -16.93
C LYS B 42 -10.96 -0.49 -17.79
N GLU B 43 -9.80 0.02 -17.45
CA GLU B 43 -8.60 -0.31 -18.13
C GLU B 43 -8.15 -1.75 -17.97
N GLY B 45 -10.54 -4.59 -17.66
CA GLY B 45 -11.64 -5.52 -17.90
C GLY B 45 -12.77 -5.44 -16.90
N GLY B 46 -12.82 -4.35 -16.15
CA GLY B 46 -13.85 -4.17 -15.12
C GLY B 46 -14.64 -2.93 -15.39
N SER B 47 -15.50 -2.62 -14.46
CA SER B 47 -16.45 -1.55 -14.59
C SER B 47 -15.93 -0.21 -14.08
N GLY B 48 -14.78 -0.25 -13.40
CA GLY B 48 -14.19 0.92 -12.74
C GLY B 48 -15.15 1.76 -11.88
N THR B 49 -16.13 1.14 -11.24
CA THR B 49 -17.16 1.89 -10.44
C THR B 49 -16.85 1.90 -8.93
N ALA B 50 -15.84 1.17 -8.49
CA ALA B 50 -15.43 1.30 -7.09
C ALA B 50 -13.90 1.33 -7.08
N THR B 51 -13.27 1.21 -5.91
CA THR B 51 -11.84 1.39 -5.81
C THR B 51 -11.08 0.12 -6.09
N ASN B 52 -9.76 0.20 -6.00
CA ASN B 52 -8.90 -0.91 -6.36
C ASN B 52 -7.59 -0.77 -5.63
N PRO B 53 -6.72 -1.79 -5.67
CA PRO B 53 -5.52 -1.75 -4.84
C PRO B 53 -4.52 -0.66 -5.21
N GLU B 54 -4.54 -0.16 -6.43
CA GLU B 54 -3.63 0.92 -6.80
C GLU B 54 -4.08 2.28 -6.24
N GLN B 55 -5.40 2.50 -6.27
CA GLN B 55 -5.89 3.68 -5.66
C GLN B 55 -5.61 3.66 -4.19
N LEU B 56 -5.84 2.54 -3.51
CA LEU B 56 -5.62 2.48 -2.09
C LEU B 56 -4.13 2.71 -1.73
N PHE B 57 -3.25 2.16 -2.55
CA PHE B 57 -1.81 2.36 -2.39
C PHE B 57 -1.41 3.83 -2.57
N ALA B 58 -2.01 4.47 -3.58
CA ALA B 58 -1.77 5.89 -3.82
C ALA B 58 -2.24 6.75 -2.64
N VAL B 59 -3.44 6.52 -2.13
CA VAL B 59 -3.94 7.32 -1.00
C VAL B 59 -3.08 7.05 0.21
N GLY B 60 -2.71 5.80 0.46
CA GLY B 60 -1.93 5.51 1.61
C GLY B 60 -0.51 6.11 1.61
N TYR B 61 0.17 5.97 0.48
CA TYR B 61 1.53 6.47 0.30
C TYR B 61 1.53 8.01 0.27
N ALA B 62 0.59 8.60 -0.40
CA ALA B 62 0.49 10.06 -0.32
C ALA B 62 0.33 10.56 1.13
N ALA B 63 -0.61 9.97 1.90
CA ALA B 63 -0.80 10.41 3.30
C ALA B 63 0.47 10.11 4.16
N CYS B 64 1.02 8.92 4.02
CA CYS B 64 2.21 8.53 4.79
C CYS B 64 3.41 9.44 4.54
N PHE B 65 3.65 9.69 3.28
CA PHE B 65 4.74 10.59 2.87
C PHE B 65 4.54 12.03 3.26
N SER B 66 3.32 12.57 3.09
CA SER B 66 3.00 13.89 3.65
C SER B 66 3.31 13.94 5.17
N ASN B 67 2.89 12.92 5.92
CA ASN B 67 3.13 12.95 7.30
C ASN B 67 4.62 12.90 7.61
N ALA B 68 5.34 12.12 6.83
CA ALA B 68 6.77 11.94 7.09
C ALA B 68 7.43 13.31 6.95
N ILE B 69 7.05 14.07 5.92
CA ILE B 69 7.59 15.42 5.72
C ILE B 69 7.27 16.35 6.91
N LEU B 70 6.00 16.38 7.33
CA LEU B 70 5.62 17.19 8.49
C LEU B 70 6.36 16.74 9.75
N HIS B 71 6.58 15.47 9.86
CA HIS B 71 7.27 14.93 11.01
C HIS B 71 8.71 15.46 11.02
N VAL B 72 9.41 15.37 9.92
CA VAL B 72 10.78 15.88 9.90
C VAL B 72 10.84 17.42 10.03
N ALA B 73 9.90 18.13 9.45
CA ALA B 73 9.87 19.57 9.59
C ALA B 73 9.66 19.97 11.04
N ARG B 74 8.87 19.21 11.76
CA ARG B 74 8.63 19.43 13.18
C ARG B 74 9.91 19.19 13.97
N GLU B 75 10.60 18.11 13.72
CA GLU B 75 11.77 17.80 14.45
C GLU B 75 12.82 18.86 14.19
N ALA B 76 12.87 19.38 12.99
CA ALA B 76 13.83 20.39 12.60
C ALA B 76 13.38 21.81 12.90
N LYS B 77 12.20 21.97 13.48
CA LYS B 77 11.64 23.28 13.78
C LYS B 77 11.58 24.17 12.54
N VAL B 78 11.23 23.55 11.43
CA VAL B 78 10.94 24.31 10.20
C VAL B 78 9.42 24.49 10.16
N ALA B 79 8.90 25.71 10.07
CA ALA B 79 7.43 25.88 10.13
C ALA B 79 6.87 25.48 8.78
N LEU B 80 6.07 24.43 8.74
CA LEU B 80 5.25 24.12 7.57
C LEU B 80 3.83 24.06 8.03
N LYS B 81 2.91 24.67 7.31
CA LYS B 81 1.49 24.57 7.69
C LYS B 81 0.93 23.22 7.24
N GLU B 82 1.57 22.65 6.22
CA GLU B 82 1.04 21.55 5.47
C GLU B 82 2.11 21.05 4.47
N ALA B 83 1.89 19.87 3.95
CA ALA B 83 2.86 19.20 3.05
C ALA B 83 2.09 18.44 1.95
N PRO B 84 1.60 19.16 0.91
CA PRO B 84 0.87 18.49 -0.18
C PRO B 84 1.76 17.55 -0.89
N VAL B 85 1.29 16.32 -1.03
CA VAL B 85 1.97 15.27 -1.78
C VAL B 85 0.98 14.63 -2.70
N THR B 86 1.36 14.54 -3.98
CA THR B 86 0.61 13.76 -4.96
C THR B 86 1.36 12.46 -5.22
N ALA B 87 0.71 11.32 -4.95
CA ALA B 87 1.28 10.04 -5.26
C ALA B 87 0.60 9.50 -6.53
N THR B 88 1.43 9.17 -7.53
CA THR B 88 1.01 8.62 -8.82
C THR B 88 1.47 7.17 -8.88
N VAL B 89 0.53 6.25 -9.01
CA VAL B 89 0.82 4.85 -9.03
C VAL B 89 0.32 4.22 -10.33
N GLY B 90 1.22 3.49 -10.99
CA GLY B 90 0.89 2.70 -12.18
C GLY B 90 1.11 1.21 -11.96
N ILE B 91 0.40 0.40 -12.73
CA ILE B 91 0.57 -1.06 -12.65
C ILE B 91 0.73 -1.53 -14.08
N GLY B 92 1.64 -2.46 -14.28
CA GLY B 92 1.82 -3.02 -15.60
C GLY B 92 2.59 -4.31 -15.45
N PRO B 93 2.75 -5.07 -16.53
CA PRO B 93 3.42 -6.36 -16.46
C PRO B 93 4.89 -6.24 -16.19
N ASN B 94 5.49 -7.22 -15.54
CA ASN B 94 6.92 -7.19 -15.30
C ASN B 94 7.82 -8.00 -16.20
N GLY B 95 7.32 -8.69 -17.18
CA GLY B 95 8.32 -9.41 -17.96
C GLY B 95 8.74 -10.75 -17.43
N GLN B 96 8.28 -11.10 -16.24
CA GLN B 96 8.48 -12.43 -15.69
C GLN B 96 7.19 -13.19 -15.46
N GLY B 97 6.06 -12.65 -15.90
CA GLY B 97 4.76 -13.31 -15.74
C GLY B 97 3.90 -12.72 -14.64
N GLY B 98 4.43 -11.72 -13.92
CA GLY B 98 3.69 -11.04 -12.85
C GLY B 98 3.49 -9.59 -13.17
N PHE B 99 3.15 -8.83 -12.16
CA PHE B 99 2.84 -7.40 -12.27
C PHE B 99 3.68 -6.63 -11.27
N ALA B 100 3.93 -5.37 -11.63
CA ALA B 100 4.74 -4.48 -10.80
C ALA B 100 4.10 -3.10 -10.73
N LEU B 101 4.35 -2.41 -9.63
CA LEU B 101 3.88 -1.05 -9.49
C LEU B 101 5.01 -0.12 -9.86
N SER B 102 4.65 1.02 -10.37
CA SER B 102 5.57 2.15 -10.55
C SER B 102 4.96 3.29 -9.69
N VAL B 103 5.80 4.14 -9.09
CA VAL B 103 5.30 5.19 -8.15
C VAL B 103 6.10 6.45 -8.30
N ALA B 104 5.40 7.57 -8.39
CA ALA B 104 6.04 8.90 -8.26
C ALA B 104 5.43 9.60 -7.07
N LEU B 105 6.27 10.32 -6.31
CA LEU B 105 5.81 11.16 -5.21
C LEU B 105 6.24 12.58 -5.48
N ALA B 106 5.27 13.48 -5.62
CA ALA B 106 5.52 14.86 -5.95
C ALA B 106 5.09 15.71 -4.75
N ALA B 107 6.07 16.25 -4.04
CA ALA B 107 5.80 17.11 -2.88
C ALA B 107 5.76 18.58 -3.29
N HIS B 108 4.87 19.36 -2.71
CA HIS B 108 4.83 20.81 -2.97
C HIS B 108 4.84 21.53 -1.62
N ILE B 109 6.02 22.00 -1.18
CA ILE B 109 6.19 22.62 0.12
C ILE B 109 6.87 23.99 0.11
N ALA B 110 6.77 24.73 1.24
CA ALA B 110 7.35 26.14 1.40
C ALA B 110 8.75 26.15 2.01
N LEU B 111 9.68 25.57 1.29
CA LEU B 111 11.08 25.39 1.71
C LEU B 111 11.80 25.01 0.40
N GLU B 112 13.03 25.46 0.17
CA GLU B 112 13.67 25.14 -1.09
C GLU B 112 15.15 24.67 -1.01
N ASP B 113 15.71 24.43 -2.21
CA ASP B 113 17.11 24.22 -2.34
C ASP B 113 17.54 23.12 -1.40
N GLU B 114 18.82 23.11 -1.02
CA GLU B 114 19.35 21.93 -0.33
C GLU B 114 18.61 21.62 1.00
N GLN B 115 18.04 22.64 1.61
CA GLN B 115 17.26 22.42 2.85
C GLN B 115 16.01 21.55 2.60
N ALA B 116 15.22 21.89 1.58
CA ALA B 116 14.11 21.05 1.19
C ALA B 116 14.59 19.64 0.75
N ARG B 117 15.69 19.56 -0.01
CA ARG B 117 16.17 18.27 -0.45
C ARG B 117 16.49 17.48 0.79
N GLN B 118 17.14 18.14 1.76
CA GLN B 118 17.64 17.42 2.93
C GLN B 118 16.43 16.92 3.71
N LEU B 119 15.41 17.76 3.80
CA LEU B 119 14.25 17.46 4.61
C LEU B 119 13.41 16.34 4.02
N VAL B 120 13.21 16.41 2.72
CA VAL B 120 12.43 15.39 2.02
C VAL B 120 13.22 14.12 1.87
N THR B 121 14.54 14.21 1.71
CA THR B 121 15.37 13.00 1.76
C THR B 121 15.23 12.31 3.05
N VAL B 122 15.22 13.08 4.16
CA VAL B 122 15.04 12.45 5.46
C VAL B 122 13.67 11.78 5.54
N ALA B 123 12.64 12.50 5.09
CA ALA B 123 11.29 11.97 5.15
C ALA B 123 11.18 10.62 4.39
N HIS B 124 11.88 10.50 3.27
CA HIS B 124 11.89 9.31 2.41
C HIS B 124 12.66 8.15 3.05
N GLN B 125 13.60 8.41 3.95
CA GLN B 125 14.28 7.34 4.70
C GLN B 125 13.45 6.80 5.83
N VAL B 126 12.61 7.65 6.41
CA VAL B 126 11.85 7.26 7.56
C VAL B 126 10.42 6.72 7.29
N CYS B 127 9.79 7.17 6.21
CA CYS B 127 8.45 6.74 5.88
C CYS B 127 8.36 5.19 5.76
N PRO B 128 7.38 4.55 6.44
CA PRO B 128 7.32 3.11 6.38
C PRO B 128 7.01 2.54 4.98
N TYR B 129 6.21 3.25 4.19
CA TYR B 129 5.96 2.80 2.82
C TYR B 129 7.20 2.81 1.97
N SER B 130 8.03 3.85 2.14
CA SER B 130 9.25 3.97 1.37
C SER B 130 10.18 2.83 1.79
N ASN B 131 10.27 2.55 3.09
CA ASN B 131 11.09 1.42 3.53
C ASN B 131 10.55 0.10 3.06
N ALA B 132 9.23 -0.04 2.96
CA ALA B 132 8.67 -1.28 2.43
C ALA B 132 9.05 -1.56 0.97
N VAL B 133 9.15 -0.52 0.12
CA VAL B 133 9.34 -0.75 -1.31
C VAL B 133 10.79 -0.51 -1.81
N ARG B 134 11.68 -0.15 -0.89
CA ARG B 134 13.07 0.27 -1.23
C ARG B 134 13.79 -0.76 -2.09
N GLY B 135 14.40 -0.33 -3.19
CA GLY B 135 15.14 -1.27 -4.10
C GLY B 135 14.21 -2.05 -5.04
N ASN B 136 12.93 -2.18 -4.74
CA ASN B 136 11.99 -2.84 -5.61
C ASN B 136 11.32 -1.86 -6.54
N ILE B 137 10.76 -0.81 -6.01
CA ILE B 137 10.15 0.21 -6.82
C ILE B 137 11.14 1.38 -6.82
N ASP B 138 11.42 1.95 -7.98
CA ASP B 138 12.29 3.13 -8.00
C ASP B 138 11.37 4.34 -7.88
N VAL B 139 11.09 4.76 -6.65
CA VAL B 139 10.05 5.76 -6.38
C VAL B 139 10.62 7.09 -6.87
N GLN B 140 9.92 7.71 -7.80
CA GLN B 140 10.37 8.96 -8.36
C GLN B 140 9.91 10.12 -7.47
N VAL B 141 10.82 10.61 -6.62
CA VAL B 141 10.44 11.64 -5.66
C VAL B 141 10.86 12.96 -6.21
N SER B 142 9.98 13.94 -6.14
CA SER B 142 10.31 15.30 -6.56
C SER B 142 9.79 16.27 -5.51
N VAL B 143 10.45 17.42 -5.40
CA VAL B 143 10.00 18.51 -4.52
C VAL B 143 9.90 19.80 -5.30
N ASN B 144 8.71 20.38 -5.34
CA ASN B 144 8.54 21.64 -6.03
C ASN B 144 8.92 21.51 -7.50
N GLY B 145 8.61 20.37 -8.11
CA GLY B 145 8.88 20.09 -9.52
C GLY B 145 10.26 19.54 -9.82
N LEU B 146 11.16 19.49 -8.84
CA LEU B 146 12.55 19.08 -9.08
C LEU B 146 12.87 17.71 -8.45
N ALA B 147 13.65 16.89 -9.16
CA ALA B 147 14.11 15.57 -8.64
C ALA B 147 14.67 15.66 -7.24
N LEU B 148 14.42 14.66 -6.41
CA LEU B 148 15.00 14.64 -5.08
C LEU B 148 16.44 14.15 -5.25
#